data_5ONM
#
_entry.id   5ONM
#
_cell.length_a   71.130
_cell.length_b   71.130
_cell.length_c   68.660
_cell.angle_alpha   90.00
_cell.angle_beta   90.00
_cell.angle_gamma   120.00
#
_symmetry.space_group_name_H-M   'P 31 2 1'
#
loop_
_entity.id
_entity.type
_entity.pdbx_description
1 polymer 'L-ectoine synthase'
2 non-polymer 'FE (III) ION'
3 non-polymer 'SULFATE ION'
4 water water
#
_entity_poly.entity_id   1
_entity_poly.type   'polypeptide(L)'
_entity_poly.pdbx_seq_one_letter_code
;MIVKHLEEIVDTKDDIDTKTWNSRRLLLTKDGMGFSLNDTLIKAGTETLIWYKNHVEAVYCIEGEGEIEVIGGETYPITP
GMMYALDGHEKHYLRARSQMRMVCVFNPPLTGAEVHDEEGTYPLLAPISDGSAWSHPF
;
_entity_poly.pdbx_strand_id   A
#
loop_
_chem_comp.id
_chem_comp.type
_chem_comp.name
_chem_comp.formula
FE non-polymer 'FE (III) ION' 'Fe 3'
SO4 non-polymer 'SULFATE ION' 'O4 S -2'
#
# COMPACT_ATOMS: atom_id res chain seq x y z
N MET A 1 0.86 -24.93 9.06
CA MET A 1 1.74 -24.47 7.97
C MET A 1 0.93 -23.69 6.95
N ILE A 2 1.51 -22.58 6.45
CA ILE A 2 0.90 -21.82 5.38
C ILE A 2 1.97 -21.56 4.31
N VAL A 3 1.65 -21.84 3.06
CA VAL A 3 2.54 -21.57 1.94
C VAL A 3 1.77 -20.89 0.84
N LYS A 4 2.32 -19.79 0.35
CA LYS A 4 1.73 -19.08 -0.76
C LYS A 4 2.83 -18.60 -1.70
N HIS A 5 2.45 -17.99 -2.81
CA HIS A 5 3.42 -17.42 -3.73
C HIS A 5 2.80 -16.19 -4.37
N LEU A 6 3.54 -15.10 -4.42
CA LEU A 6 3.10 -13.88 -5.09
C LEU A 6 2.55 -14.15 -6.50
N GLU A 7 3.18 -15.05 -7.22
CA GLU A 7 2.80 -15.27 -8.62
C GLU A 7 1.46 -15.96 -8.72
N GLU A 8 0.98 -16.53 -7.62
CA GLU A 8 -0.38 -17.08 -7.54
C GLU A 8 -1.38 -16.01 -7.15
N ILE A 9 -0.93 -15.05 -6.36
CA ILE A 9 -1.83 -14.10 -5.75
C ILE A 9 -2.21 -13.01 -6.73
N VAL A 10 -1.32 -12.69 -7.66
CA VAL A 10 -1.56 -11.62 -8.61
C VAL A 10 -2.77 -11.97 -9.46
N ASP A 11 -3.53 -10.93 -9.76
CA ASP A 11 -4.72 -11.01 -10.60
C ASP A 11 -5.76 -11.98 -10.04
N THR A 12 -5.75 -12.15 -8.72
CA THR A 12 -6.76 -12.92 -7.99
C THR A 12 -7.43 -12.03 -6.98
N LYS A 13 -8.33 -12.60 -6.16
CA LYS A 13 -9.12 -11.81 -5.22
C LYS A 13 -8.28 -11.21 -4.09
N ASP A 14 -7.12 -11.78 -3.85
CA ASP A 14 -6.23 -11.27 -2.81
C ASP A 14 -5.27 -10.22 -3.34
N ASP A 15 -5.41 -9.89 -4.62
CA ASP A 15 -4.73 -8.78 -5.23
C ASP A 15 -5.74 -7.63 -5.39
N ILE A 16 -5.65 -6.65 -4.48
CA ILE A 16 -6.59 -5.51 -4.50
C ILE A 16 -5.99 -4.31 -5.23
N ASP A 17 -6.65 -3.94 -6.31
CA ASP A 17 -6.18 -2.89 -7.19
C ASP A 17 -6.98 -1.63 -6.93
N THR A 18 -6.27 -0.54 -6.65
CA THR A 18 -6.90 0.76 -6.42
C THR A 18 -6.26 1.77 -7.33
N LYS A 19 -6.61 2.98 -7.32
CA LYS A 19 -6.08 4.02 -8.17
C LYS A 19 -4.57 4.17 -8.02
N THR A 20 -4.24 4.16 -6.76
CA THR A 20 -2.84 4.48 -6.50
C THR A 20 -1.98 3.30 -6.11
N TRP A 21 -2.59 2.17 -5.75
N TRP A 21 -2.61 2.18 -5.77
CA TRP A 21 -1.81 1.02 -5.29
CA TRP A 21 -1.90 0.98 -5.35
C TRP A 21 -2.45 -0.31 -5.64
C TRP A 21 -2.38 -0.30 -5.98
N ASN A 22 -1.59 -1.33 -5.71
CA ASN A 22 -1.98 -2.68 -5.96
C ASN A 22 -1.48 -3.52 -4.78
N SER A 23 -2.35 -4.01 -3.91
CA SER A 23 -1.93 -4.68 -2.70
C SER A 23 -2.12 -6.18 -2.81
N ARG A 24 -1.01 -6.91 -2.78
CA ARG A 24 -1.02 -8.34 -2.90
C ARG A 24 -0.93 -8.92 -1.51
N ARG A 25 -2.08 -9.38 -0.99
CA ARG A 25 -2.17 -9.86 0.37
C ARG A 25 -1.60 -11.25 0.52
N LEU A 26 -0.67 -11.38 1.46
CA LEU A 26 0.07 -12.60 1.71
C LEU A 26 -0.47 -13.34 2.93
N LEU A 27 -0.71 -12.60 4.00
CA LEU A 27 -1.33 -13.15 5.20
C LEU A 27 -2.52 -12.29 5.56
N LEU A 28 -3.66 -12.96 5.64
CA LEU A 28 -4.96 -12.34 5.85
C LEU A 28 -5.39 -12.51 7.30
N THR A 29 -6.45 -11.83 7.73
CA THR A 29 -6.95 -12.03 9.07
C THR A 29 -7.22 -13.53 9.29
N LYS A 30 -7.82 -14.15 8.28
CA LYS A 30 -8.11 -15.60 8.24
C LYS A 30 -6.93 -16.50 8.60
N ASP A 31 -5.72 -16.03 8.32
CA ASP A 31 -4.55 -16.88 8.48
C ASP A 31 -4.08 -16.96 9.92
N GLY A 32 -4.65 -16.13 10.78
CA GLY A 32 -4.46 -16.22 12.22
C GLY A 32 -3.07 -15.98 12.78
N MET A 33 -2.28 -15.15 12.11
CA MET A 33 -0.93 -14.93 12.58
C MET A 33 -0.82 -13.79 13.58
N GLY A 34 -1.89 -13.03 13.73
CA GLY A 34 -1.88 -11.89 14.65
C GLY A 34 -1.45 -10.59 13.99
N PHE A 35 -1.05 -10.72 12.73
CA PHE A 35 -0.73 -9.56 11.89
C PHE A 35 -1.15 -9.92 10.47
N SER A 36 -1.30 -8.91 9.60
CA SER A 36 -1.47 -9.18 8.18
C SER A 36 -0.19 -8.73 7.50
N LEU A 37 0.06 -9.32 6.34
CA LEU A 37 1.28 -9.12 5.58
C LEU A 37 0.91 -8.94 4.15
N ASN A 38 1.44 -7.91 3.49
CA ASN A 38 1.21 -7.78 2.07
C ASN A 38 2.43 -7.24 1.34
N ASP A 39 2.39 -7.36 0.03
CA ASP A 39 3.35 -6.79 -0.89
C ASP A 39 2.59 -5.79 -1.73
N THR A 40 2.80 -4.51 -1.46
CA THR A 40 2.02 -3.48 -2.14
C THR A 40 2.87 -2.70 -3.14
N LEU A 41 2.35 -2.55 -4.36
CA LEU A 41 2.96 -1.69 -5.35
C LEU A 41 2.28 -0.34 -5.27
N ILE A 42 3.06 0.70 -5.00
CA ILE A 42 2.54 2.05 -5.02
C ILE A 42 2.85 2.60 -6.40
N LYS A 43 1.81 2.99 -7.15
CA LYS A 43 2.01 3.32 -8.54
C LYS A 43 2.76 4.63 -8.75
N ALA A 44 3.58 4.64 -9.79
CA ALA A 44 4.42 5.78 -10.09
C ALA A 44 3.59 7.05 -10.23
N GLY A 45 4.10 8.12 -9.62
CA GLY A 45 3.50 9.43 -9.76
C GLY A 45 2.34 9.71 -8.82
N THR A 46 2.01 8.75 -7.95
CA THR A 46 0.83 8.91 -7.10
C THR A 46 1.11 9.55 -5.74
N GLU A 47 0.06 10.14 -5.20
CA GLU A 47 0.05 10.68 -3.86
C GLU A 47 -1.19 10.17 -3.17
N THR A 48 -1.01 9.68 -1.95
CA THR A 48 -2.07 9.13 -1.13
C THR A 48 -1.92 9.63 0.28
N LEU A 49 -3.01 10.12 0.87
CA LEU A 49 -3.03 10.48 2.26
C LEU A 49 -3.49 9.29 3.08
N ILE A 50 -2.74 8.98 4.13
CA ILE A 50 -2.95 7.76 4.92
C ILE A 50 -3.02 8.07 6.41
N TRP A 51 -3.97 7.42 7.09
CA TRP A 51 -4.14 7.60 8.50
C TRP A 51 -4.80 6.36 9.05
N TYR A 52 -3.99 5.50 9.66
CA TYR A 52 -4.53 4.30 10.27
C TYR A 52 -4.70 4.55 11.76
N LYS A 53 -5.93 4.89 12.14
CA LYS A 53 -6.26 5.19 13.53
C LYS A 53 -6.28 3.91 14.38
N ASN A 54 -6.60 2.78 13.75
CA ASN A 54 -6.82 1.54 14.49
C ASN A 54 -5.81 0.43 14.23
N HIS A 55 -4.73 0.76 13.53
CA HIS A 55 -3.63 -0.19 13.33
C HIS A 55 -2.30 0.51 13.44
N VAL A 56 -1.26 -0.25 13.77
CA VAL A 56 0.10 0.20 13.49
C VAL A 56 0.59 -0.57 12.28
N GLU A 57 1.40 0.08 11.46
CA GLU A 57 1.86 -0.51 10.21
C GLU A 57 3.37 -0.35 10.13
N ALA A 58 4.04 -1.40 9.68
CA ALA A 58 5.45 -1.33 9.29
C ALA A 58 5.50 -1.40 7.77
N VAL A 59 6.36 -0.60 7.14
CA VAL A 59 6.51 -0.55 5.69
C VAL A 59 8.00 -0.66 5.33
N TYR A 60 8.36 -1.66 4.52
CA TYR A 60 9.75 -1.90 4.15
C TYR A 60 9.85 -1.81 2.62
N CYS A 61 10.55 -0.80 2.13
CA CYS A 61 10.69 -0.60 0.70
C CYS A 61 11.75 -1.51 0.10
N ILE A 62 11.36 -2.34 -0.86
CA ILE A 62 12.36 -3.14 -1.49
C ILE A 62 12.64 -2.73 -2.95
N GLU A 63 11.81 -1.87 -3.55
CA GLU A 63 12.06 -1.32 -4.90
C GLU A 63 11.49 0.06 -4.97
N GLY A 64 12.15 0.94 -5.70
CA GLY A 64 11.57 2.22 -6.06
C GLY A 64 11.95 3.38 -5.16
N GLU A 65 11.43 4.56 -5.51
CA GLU A 65 11.77 5.79 -4.85
C GLU A 65 10.57 6.69 -4.71
N GLY A 66 10.51 7.39 -3.59
CA GLY A 66 9.42 8.27 -3.29
C GLY A 66 9.69 8.95 -1.98
N GLU A 67 8.64 9.30 -1.26
CA GLU A 67 8.79 9.91 0.04
C GLU A 67 7.52 9.76 0.87
N ILE A 68 7.70 9.81 2.18
CA ILE A 68 6.62 9.87 3.12
C ILE A 68 6.75 11.17 3.91
N GLU A 69 5.66 11.96 3.93
CA GLU A 69 5.64 13.21 4.69
C GLU A 69 4.69 13.03 5.85
N VAL A 70 5.19 13.14 7.06
CA VAL A 70 4.34 13.07 8.24
C VAL A 70 3.67 14.41 8.45
N ILE A 71 2.55 14.70 8.55
CA ILE A 71 1.67 15.80 8.91
C ILE A 71 2.02 16.21 10.33
N GLY A 72 2.51 17.33 10.32
CA GLY A 72 3.06 17.86 11.57
C GLY A 72 4.45 17.35 11.90
N GLY A 73 5.09 16.72 10.91
CA GLY A 73 6.39 16.09 11.14
C GLY A 73 7.32 16.29 9.96
N GLU A 74 8.22 15.34 9.76
CA GLU A 74 9.24 15.49 8.74
C GLU A 74 8.87 14.75 7.46
N THR A 75 9.64 15.02 6.41
CA THR A 75 9.56 14.30 5.16
C THR A 75 10.77 13.38 4.99
N TYR A 76 10.50 12.09 4.78
CA TYR A 76 11.53 11.05 4.70
C TYR A 76 11.56 10.43 3.31
N PRO A 77 12.62 10.65 2.54
CA PRO A 77 12.80 9.93 1.28
C PRO A 77 12.76 8.43 1.48
N ILE A 78 12.09 7.80 0.53
CA ILE A 78 11.95 6.35 0.47
C ILE A 78 12.84 5.84 -0.66
N THR A 79 13.67 4.85 -0.36
CA THR A 79 14.56 4.20 -1.32
C THR A 79 14.57 2.74 -0.89
N PRO A 80 15.09 1.85 -1.75
CA PRO A 80 15.21 0.45 -1.31
C PRO A 80 16.01 0.32 -0.02
N GLY A 81 15.49 -0.44 0.93
CA GLY A 81 16.11 -0.58 2.23
C GLY A 81 15.55 0.34 3.29
N MET A 82 14.80 1.35 2.88
CA MET A 82 14.15 2.23 3.86
C MET A 82 12.95 1.53 4.51
N MET A 83 12.83 1.72 5.83
CA MET A 83 11.75 1.17 6.60
C MET A 83 11.12 2.26 7.45
N TYR A 84 9.80 2.37 7.44
CA TYR A 84 9.13 3.24 8.39
C TYR A 84 8.00 2.48 9.06
N ALA A 85 7.72 2.89 10.30
CA ALA A 85 6.69 2.27 11.09
C ALA A 85 5.92 3.35 11.81
N LEU A 86 4.62 3.25 11.67
CA LEU A 86 3.68 4.26 12.15
C LEU A 86 3.19 3.89 13.56
N ASP A 87 4.09 3.88 14.54
CA ASP A 87 3.73 3.44 15.89
C ASP A 87 2.93 4.51 16.60
N GLY A 88 2.92 5.71 16.04
CA GLY A 88 2.15 6.81 16.61
C GLY A 88 0.87 7.11 15.86
N HIS A 89 0.44 6.18 15.00
CA HIS A 89 -0.76 6.37 14.20
C HIS A 89 -0.70 7.67 13.42
N GLU A 90 0.47 7.94 12.87
CA GLU A 90 0.70 9.17 12.15
C GLU A 90 -0.12 9.31 10.87
N LYS A 91 -0.72 10.47 10.71
CA LYS A 91 -1.24 10.94 9.45
C LYS A 91 -0.08 11.27 8.49
N HIS A 92 -0.13 10.78 7.26
CA HIS A 92 1.00 10.98 6.36
C HIS A 92 0.65 10.96 4.89
N TYR A 93 1.44 11.66 4.09
CA TYR A 93 1.39 11.52 2.63
C TYR A 93 2.39 10.50 2.17
N LEU A 94 1.98 9.62 1.28
CA LEU A 94 2.85 8.65 0.63
C LEU A 94 2.89 8.97 -0.84
N ARG A 95 4.08 9.30 -1.33
CA ARG A 95 4.27 9.72 -2.70
C ARG A 95 5.23 8.79 -3.38
N ALA A 96 4.90 8.35 -4.59
CA ALA A 96 5.81 7.50 -5.36
C ALA A 96 6.36 8.24 -6.57
N ARG A 97 7.67 8.42 -6.65
N ARG A 97 7.66 8.36 -6.68
CA ARG A 97 8.25 8.96 -7.86
CA ARG A 97 8.28 8.98 -7.86
C ARG A 97 8.24 7.85 -8.89
C ARG A 97 8.46 7.95 -8.97
N SER A 98 8.98 6.78 -8.62
CA SER A 98 8.87 5.59 -9.44
C SER A 98 7.93 4.65 -8.70
N GLN A 99 7.54 3.57 -9.36
CA GLN A 99 6.73 2.57 -8.69
C GLN A 99 7.50 2.06 -7.47
N MET A 100 6.83 1.98 -6.33
CA MET A 100 7.49 1.50 -5.08
C MET A 100 6.92 0.14 -4.73
N ARG A 101 7.78 -0.83 -4.40
CA ARG A 101 7.34 -2.12 -3.90
C ARG A 101 7.61 -2.15 -2.39
N MET A 102 6.53 -2.33 -1.64
CA MET A 102 6.56 -2.21 -0.20
C MET A 102 6.04 -3.49 0.45
N VAL A 103 6.83 -4.06 1.36
CA VAL A 103 6.35 -5.14 2.21
C VAL A 103 5.79 -4.51 3.46
N CYS A 104 4.50 -4.74 3.71
CA CYS A 104 3.76 -4.06 4.75
C CYS A 104 3.21 -5.05 5.78
N VAL A 105 3.34 -4.67 7.06
CA VAL A 105 2.86 -5.48 8.17
C VAL A 105 1.88 -4.64 8.98
N PHE A 106 0.68 -5.19 9.21
CA PHE A 106 -0.36 -4.51 10.01
C PHE A 106 -0.67 -5.28 11.28
N ASN A 107 -0.73 -4.55 12.38
CA ASN A 107 -1.15 -5.08 13.68
C ASN A 107 -2.21 -4.15 14.30
N PRO A 108 -3.44 -4.65 14.50
CA PRO A 108 -3.93 -5.99 14.15
C PRO A 108 -4.01 -6.17 12.64
N PRO A 109 -4.26 -7.39 12.18
CA PRO A 109 -4.41 -7.62 10.74
C PRO A 109 -5.50 -6.76 10.12
N LEU A 110 -5.29 -6.35 8.88
CA LEU A 110 -6.36 -5.76 8.13
C LEU A 110 -7.37 -6.84 7.76
N THR A 111 -8.64 -6.46 7.72
CA THR A 111 -9.66 -7.37 7.20
C THR A 111 -9.90 -7.12 5.72
N GLY A 112 -10.53 -8.08 5.06
CA GLY A 112 -10.89 -7.93 3.66
C GLY A 112 -11.77 -6.72 3.48
N ALA A 113 -12.62 -6.49 4.49
CA ALA A 113 -13.56 -5.37 4.46
C ALA A 113 -12.78 -4.07 4.40
N GLU A 114 -11.85 -3.93 5.33
CA GLU A 114 -11.06 -2.71 5.44
C GLU A 114 -10.26 -2.43 4.17
N VAL A 115 -9.72 -3.46 3.54
CA VAL A 115 -8.92 -3.22 2.35
C VAL A 115 -9.80 -2.76 1.20
N HIS A 116 -10.95 -3.40 1.05
CA HIS A 116 -11.86 -3.06 -0.04
C HIS A 116 -12.54 -1.71 0.20
N ASP A 117 -12.85 -1.41 1.46
CA ASP A 117 -13.35 -0.09 1.84
C ASP A 117 -12.30 1.02 1.71
N GLU A 118 -11.04 0.64 1.46
CA GLU A 118 -9.91 1.58 1.46
C GLU A 118 -9.84 2.40 2.75
N GLU A 119 -10.28 1.80 3.86
CA GLU A 119 -10.27 2.48 5.15
C GLU A 119 -8.87 2.98 5.49
N GLY A 120 -8.79 4.20 6.00
CA GLY A 120 -7.50 4.75 6.38
C GLY A 120 -6.72 5.36 5.21
N THR A 121 -7.24 5.27 3.99
CA THR A 121 -6.55 5.89 2.86
C THR A 121 -7.44 6.80 2.03
N TYR A 122 -6.80 7.86 1.54
CA TYR A 122 -7.40 8.85 0.69
C TYR A 122 -6.52 9.09 -0.52
N PRO A 123 -6.80 8.43 -1.64
CA PRO A 123 -6.04 8.67 -2.87
C PRO A 123 -6.21 10.10 -3.36
N LEU A 124 -5.12 10.76 -3.72
CA LEU A 124 -5.15 12.20 -4.06
C LEU A 124 -4.73 12.52 -5.48
N LEU A 125 -3.76 11.77 -6.00
CA LEU A 125 -3.24 11.97 -7.34
C LEU A 125 -3.00 10.58 -7.93
N ALA A 126 -3.64 10.29 -9.06
CA ALA A 126 -3.52 9.02 -9.73
C ALA A 126 -2.43 9.07 -10.79
N PRO A 127 -2.06 7.91 -11.35
CA PRO A 127 -1.03 7.93 -12.40
C PRO A 127 -1.46 8.73 -13.62
N ILE A 128 -0.49 9.22 -14.37
CA ILE A 128 -0.77 9.93 -15.62
C ILE A 128 -1.61 9.07 -16.54
N SER A 129 -2.40 9.15 -17.24
CA SER A 129 -3.33 8.67 -18.24
C SER A 129 -2.62 7.96 -19.40
N ASP A 130 -3.18 7.02 -19.55
CA ASP A 130 -2.62 6.21 -20.62
C ASP A 130 -3.39 6.41 -21.93
N GLY A 131 -4.31 7.37 -21.94
CA GLY A 131 -5.08 7.69 -23.13
C GLY A 131 -6.40 6.93 -23.24
N SER A 132 -6.66 6.07 -22.27
CA SER A 132 -7.90 5.30 -22.25
C SER A 132 -9.09 6.13 -21.75
N ALA A 133 -10.28 5.75 -22.17
CA ALA A 133 -11.49 6.31 -21.60
C ALA A 133 -12.44 5.15 -21.33
N TRP A 134 -13.28 5.28 -20.31
CA TRP A 134 -14.24 4.24 -20.02
C TRP A 134 -15.17 3.93 -21.21
N SER A 135 -15.46 4.96 -22.01
CA SER A 135 -16.41 4.85 -23.12
C SER A 135 -15.74 4.37 -24.41
N HIS A 136 -14.48 3.95 -24.32
CA HIS A 136 -13.79 3.41 -25.50
C HIS A 136 -13.58 1.91 -25.39
N PRO A 137 -14.53 1.12 -25.91
CA PRO A 137 -14.40 -0.34 -25.86
C PRO A 137 -13.20 -0.79 -26.68
N PHE A 138 -12.89 0.01 -27.69
CA PHE A 138 -11.59 0.15 -28.32
C PHE A 138 -11.67 0.43 -29.81
FE FE B . 1.85 3.78 4.89
S SO4 C . -9.44 -11.38 5.72
O1 SO4 C . -10.57 -10.62 6.30
O2 SO4 C . -9.60 -11.53 4.32
O3 SO4 C . -8.25 -10.55 6.03
O4 SO4 C . -9.28 -12.67 6.40
#